data_8R1R
#
_entry.id   8R1R
#
_cell.length_a   70.250
_cell.length_b   70.250
_cell.length_c   203.700
_cell.angle_alpha   90.00
_cell.angle_beta   90.00
_cell.angle_gamma   90.00
#
_symmetry.space_group_name_H-M   'P 41 21 2'
#
loop_
_entity.id
_entity.type
_entity.pdbx_description
1 polymer 'Short-chain dehydrogenase/reductase'
2 non-polymer 'FLAVIN-ADENINE DINUCLEOTIDE'
3 water water
#
_entity_poly.entity_id   1
_entity_poly.type   'polypeptide(L)'
_entity_poly.pdbx_seq_one_letter_code
;MAHHHHHHSSGLEVLFQGPMTDPVIVVGAGPTGLMLACELGLAGAPVVVLDRRDAPDPHAPGQAVNAGVVALLEQRGLAD
ALRASGLPLPGAHFSLLWLRPEEITADRPEVGTGLLVAQPRLTEVLEQRARELGVDVRRGHEVTELRQSPGHVTLKLRTS
AGDSTLRGSYVVAADGAGSTVRRLAGIDFPGSGWTVSGIVGDVTVDFSELAVHHLGAHYLPAGGVYSGAPAGPGVLRVIT
TVFGATPPAPSGPVAAEELQGEVEHLTGQPLPAREVLWARRFTSHSGNAERYRSGRVFLAGDAAHSFYPLGGLRLSTCLQ
DAVNLGWKLAADLAGWAPPGLLDTYHAERHPEGERARLALDAQLALMHPAARTAGARSLVADLARFEDVNRYLVELVTGV
DPRYRVGTDGASGSVVPDPALGGRVPGAAPLLHGGGGLLLLGAADGDGERGEGGAHARTAAAWADRVGVAPALAADATRS
VLLRPDGHVAWAEGSGSLETALKNWFGTPR
;
_entity_poly.pdbx_strand_id   A
#
loop_
_chem_comp.id
_chem_comp.type
_chem_comp.name
_chem_comp.formula
FAD non-polymer 'FLAVIN-ADENINE DINUCLEOTIDE' 'C27 H33 N9 O15 P2'
#
# COMPACT_ATOMS: atom_id res chain seq x y z
N GLY A 11 31.33 1.49 -24.85
CA GLY A 11 30.73 0.57 -25.84
C GLY A 11 30.79 -0.89 -25.40
N LEU A 12 31.92 -1.29 -24.78
CA LEU A 12 32.20 -2.68 -24.44
C LEU A 12 31.16 -3.24 -23.48
N GLU A 13 30.48 -2.35 -22.73
CA GLU A 13 29.50 -2.76 -21.73
C GLU A 13 28.31 -3.47 -22.39
N VAL A 14 28.02 -3.12 -23.65
CA VAL A 14 26.88 -3.64 -24.40
C VAL A 14 27.12 -5.11 -24.82
N LEU A 15 28.40 -5.51 -24.87
CA LEU A 15 28.76 -6.80 -25.43
C LEU A 15 28.47 -7.89 -24.40
N PHE A 16 28.09 -9.06 -24.91
CA PHE A 16 28.02 -10.30 -24.17
C PHE A 16 26.77 -10.42 -23.29
N GLN A 17 25.86 -9.45 -23.39
CA GLN A 17 24.72 -9.41 -22.46
C GLN A 17 23.54 -10.23 -22.99
N GLY A 18 23.53 -10.51 -24.29
CA GLY A 18 22.52 -11.41 -24.84
C GLY A 18 21.26 -10.64 -25.20
N PRO A 19 20.20 -11.33 -25.63
CA PRO A 19 18.95 -10.65 -25.98
C PRO A 19 18.31 -9.97 -24.76
N MET A 20 17.60 -8.87 -24.96
CA MET A 20 16.96 -8.19 -23.83
C MET A 20 15.70 -7.50 -24.29
N THR A 21 14.56 -7.75 -23.62
CA THR A 21 13.34 -6.99 -23.90
C THR A 21 13.33 -5.75 -23.00
N ASP A 22 12.68 -4.69 -23.49
CA ASP A 22 12.57 -3.40 -22.83
C ASP A 22 11.84 -3.58 -21.50
N PRO A 23 12.50 -3.35 -20.34
CA PRO A 23 11.87 -3.66 -19.06
C PRO A 23 10.90 -2.57 -18.61
N VAL A 24 10.01 -2.95 -17.68
CA VAL A 24 9.36 -1.97 -16.83
C VAL A 24 10.42 -1.46 -15.88
N ILE A 25 10.66 -0.14 -15.90
CA ILE A 25 11.57 0.47 -14.93
C ILE A 25 10.78 0.99 -13.72
N VAL A 26 11.05 0.42 -12.55
CA VAL A 26 10.47 0.83 -11.29
C VAL A 26 11.48 1.73 -10.60
N VAL A 27 11.07 2.99 -10.41
CA VAL A 27 11.92 3.93 -9.73
C VAL A 27 11.55 3.98 -8.27
N GLY A 28 12.42 3.37 -7.45
CA GLY A 28 12.26 3.33 -6.02
C GLY A 28 12.18 1.88 -5.54
N ALA A 29 13.01 1.54 -4.55
CA ALA A 29 13.01 0.21 -3.94
C ALA A 29 12.49 0.23 -2.50
N GLY A 30 11.50 1.08 -2.25
CA GLY A 30 10.71 1.00 -1.03
C GLY A 30 9.67 -0.11 -1.17
N PRO A 31 8.72 -0.19 -0.21
CA PRO A 31 7.67 -1.20 -0.23
C PRO A 31 6.85 -1.20 -1.51
N THR A 32 6.55 -0.01 -2.05
CA THR A 32 5.73 0.00 -3.25
C THR A 32 6.49 -0.63 -4.41
N GLY A 33 7.73 -0.13 -4.67
CA GLY A 33 8.54 -0.56 -5.79
C GLY A 33 8.82 -2.05 -5.77
N LEU A 34 9.21 -2.55 -4.60
CA LEU A 34 9.56 -3.96 -4.48
C LEU A 34 8.33 -4.83 -4.59
N MET A 35 7.17 -4.42 -4.05
CA MET A 35 5.98 -5.23 -4.21
C MET A 35 5.64 -5.32 -5.71
N LEU A 36 5.75 -4.18 -6.41
CA LEU A 36 5.41 -4.14 -7.80
C LEU A 36 6.38 -5.01 -8.60
N ALA A 37 7.67 -4.90 -8.27
CA ALA A 37 8.66 -5.76 -8.91
C ALA A 37 8.38 -7.24 -8.66
N CYS A 38 7.93 -7.62 -7.46
CA CYS A 38 7.54 -9.01 -7.20
C CYS A 38 6.34 -9.42 -8.07
N GLU A 39 5.37 -8.53 -8.26
CA GLU A 39 4.20 -8.86 -9.05
C GLU A 39 4.58 -9.03 -10.52
N LEU A 40 5.40 -8.10 -11.03
CA LEU A 40 5.91 -8.19 -12.39
C LEU A 40 6.75 -9.44 -12.60
N GLY A 41 7.68 -9.70 -11.69
CA GLY A 41 8.49 -10.91 -11.71
C GLY A 41 7.66 -12.19 -11.75
N LEU A 42 6.65 -12.28 -10.88
CA LEU A 42 5.82 -13.47 -10.79
C LEU A 42 5.08 -13.66 -12.10
N ALA A 43 4.65 -12.55 -12.70
CA ALA A 43 3.83 -12.62 -13.89
C ALA A 43 4.69 -12.82 -15.14
N GLY A 44 6.02 -12.80 -14.98
CA GLY A 44 6.95 -13.08 -16.06
C GLY A 44 7.26 -11.87 -16.94
N ALA A 45 7.03 -10.65 -16.44
CA ALA A 45 7.34 -9.45 -17.20
C ALA A 45 8.77 -9.03 -16.90
N PRO A 46 9.51 -8.43 -17.87
CA PRO A 46 10.83 -7.89 -17.58
C PRO A 46 10.78 -6.66 -16.66
N VAL A 47 11.65 -6.59 -15.65
CA VAL A 47 11.63 -5.47 -14.73
C VAL A 47 13.02 -5.18 -14.22
N VAL A 48 13.30 -3.89 -14.08
CA VAL A 48 14.45 -3.34 -13.39
C VAL A 48 13.98 -2.37 -12.32
N VAL A 49 14.61 -2.43 -11.13
CA VAL A 49 14.33 -1.53 -10.02
C VAL A 49 15.58 -0.67 -9.78
N LEU A 50 15.38 0.64 -9.77
CA LEU A 50 16.42 1.62 -9.46
C LEU A 50 16.14 2.23 -8.09
N ASP A 51 17.21 2.62 -7.39
CA ASP A 51 17.05 3.40 -6.18
C ASP A 51 18.31 4.21 -5.94
N ARG A 52 18.10 5.46 -5.55
CA ARG A 52 19.16 6.44 -5.36
C ARG A 52 19.98 6.11 -4.12
N ARG A 53 19.45 5.34 -3.15
CA ARG A 53 20.20 5.01 -1.95
C ARG A 53 21.22 3.92 -2.22
N ASP A 54 22.30 3.88 -1.43
CA ASP A 54 23.32 2.86 -1.57
C ASP A 54 22.87 1.56 -0.93
N ALA A 55 22.01 1.63 0.08
CA ALA A 55 21.52 0.44 0.77
C ALA A 55 20.11 0.70 1.30
N PRO A 56 19.39 -0.34 1.76
CA PRO A 56 18.08 -0.16 2.39
C PRO A 56 18.16 0.81 3.56
N ASP A 57 17.06 1.52 3.79
CA ASP A 57 16.96 2.49 4.87
C ASP A 57 16.68 1.75 6.19
N PRO A 58 17.61 1.76 7.17
CA PRO A 58 17.34 1.11 8.46
C PRO A 58 16.33 1.88 9.32
N HIS A 59 16.07 3.13 8.95
CA HIS A 59 15.22 4.03 9.71
C HIS A 59 13.83 4.16 9.08
N ALA A 60 13.52 3.33 8.07
CA ALA A 60 12.18 3.45 7.49
C ALA A 60 11.19 3.37 8.67
N PRO A 61 10.26 4.33 8.76
CA PRO A 61 9.59 4.60 10.03
C PRO A 61 8.34 3.81 10.40
N GLY A 62 7.73 3.11 9.45
CA GLY A 62 6.42 2.54 9.70
C GLY A 62 6.53 1.36 10.66
N GLN A 63 5.48 1.13 11.42
CA GLN A 63 5.34 -0.10 12.19
C GLN A 63 3.95 -0.73 12.09
N ALA A 64 2.93 0.03 11.68
CA ALA A 64 1.58 -0.52 11.62
C ALA A 64 1.34 -1.06 10.22
N VAL A 65 1.17 -2.38 10.13
CA VAL A 65 0.90 -3.08 8.89
C VAL A 65 -0.50 -3.68 9.02
N ASN A 66 -1.46 -3.13 8.30
CA ASN A 66 -2.85 -3.49 8.53
C ASN A 66 -3.23 -4.74 7.75
N ALA A 67 -4.47 -5.20 7.96
CA ALA A 67 -5.04 -6.35 7.28
C ALA A 67 -5.06 -6.22 5.77
N GLY A 68 -5.21 -5.01 5.25
CA GLY A 68 -5.14 -4.82 3.80
C GLY A 68 -3.78 -5.21 3.24
N VAL A 69 -2.69 -4.85 3.95
CA VAL A 69 -1.37 -5.23 3.53
C VAL A 69 -1.20 -6.74 3.66
N VAL A 70 -1.62 -7.29 4.79
CA VAL A 70 -1.36 -8.70 5.04
C VAL A 70 -2.04 -9.55 3.99
N ALA A 71 -3.24 -9.13 3.55
CA ALA A 71 -3.99 -9.89 2.56
C ALA A 71 -3.21 -10.05 1.26
N LEU A 72 -2.50 -8.99 0.85
CA LEU A 72 -1.76 -9.02 -0.38
C LEU A 72 -0.51 -9.87 -0.23
N LEU A 73 0.11 -9.78 0.95
CA LEU A 73 1.25 -10.63 1.24
C LEU A 73 0.81 -12.10 1.26
N GLU A 74 -0.34 -12.39 1.85
CA GLU A 74 -0.80 -13.76 2.01
C GLU A 74 -1.03 -14.42 0.66
N GLN A 75 -1.53 -13.67 -0.33
CA GLN A 75 -1.85 -14.28 -1.60
C GLN A 75 -0.58 -14.56 -2.41
N ARG A 76 0.60 -14.17 -1.90
CA ARG A 76 1.87 -14.53 -2.49
C ARG A 76 2.74 -15.37 -1.56
N GLY A 77 2.20 -15.77 -0.41
CA GLY A 77 2.92 -16.55 0.59
C GLY A 77 4.04 -15.78 1.27
N LEU A 78 3.92 -14.46 1.38
CA LEU A 78 4.96 -13.61 1.97
C LEU A 78 4.62 -13.23 3.42
N ALA A 79 3.40 -13.51 3.86
CA ALA A 79 2.91 -13.07 5.17
C ALA A 79 3.65 -13.79 6.32
N ASP A 80 3.94 -15.09 6.18
CA ASP A 80 4.65 -15.84 7.23
C ASP A 80 6.02 -15.22 7.54
N ALA A 81 6.80 -14.86 6.51
CA ALA A 81 8.10 -14.24 6.73
C ALA A 81 7.97 -12.93 7.49
N LEU A 82 6.93 -12.14 7.22
CA LEU A 82 6.77 -10.87 7.94
C LEU A 82 6.36 -11.12 9.39
N ARG A 83 5.45 -12.09 9.59
CA ARG A 83 4.89 -12.40 10.89
C ARG A 83 5.98 -12.85 11.88
N ALA A 84 7.05 -13.44 11.35
CA ALA A 84 8.18 -13.85 12.16
C ALA A 84 8.77 -12.65 12.92
N SER A 85 8.61 -11.42 12.39
CA SER A 85 9.22 -10.24 13.01
C SER A 85 8.18 -9.35 13.72
N GLY A 86 6.93 -9.82 13.76
CA GLY A 86 5.80 -8.99 14.17
C GLY A 86 5.05 -9.48 15.41
N LEU A 87 4.30 -8.53 15.98
CA LEU A 87 3.33 -8.74 17.06
C LEU A 87 1.91 -8.56 16.49
N PRO A 88 0.93 -9.46 16.79
CA PRO A 88 -0.45 -9.23 16.36
C PRO A 88 -0.89 -7.91 16.96
N LEU A 89 -1.50 -7.08 16.13
CA LEU A 89 -2.09 -5.82 16.53
C LEU A 89 -3.58 -5.90 16.25
N PRO A 90 -4.37 -6.66 17.03
CA PRO A 90 -5.78 -6.88 16.69
C PRO A 90 -6.69 -5.66 16.86
N GLY A 91 -6.31 -4.68 17.71
CA GLY A 91 -7.07 -3.45 17.96
C GLY A 91 -7.18 -2.59 16.69
N ALA A 92 -8.16 -1.66 16.66
CA ALA A 92 -8.29 -0.74 15.53
C ALA A 92 -8.80 0.59 16.06
N HIS A 93 -8.35 1.72 15.47
CA HIS A 93 -8.83 3.00 15.92
C HIS A 93 -9.14 3.88 14.71
N PHE A 94 -9.93 4.91 14.99
CA PHE A 94 -10.19 5.99 14.04
C PHE A 94 -9.99 7.30 14.78
N SER A 95 -9.04 8.12 14.30
CA SER A 95 -8.69 9.33 15.03
C SER A 95 -8.29 9.03 16.46
N LEU A 96 -7.66 7.89 16.67
CA LEU A 96 -7.25 7.38 17.98
C LEU A 96 -8.45 7.21 18.94
N LEU A 97 -9.67 7.08 18.42
CA LEU A 97 -10.81 6.55 19.17
C LEU A 97 -10.81 5.04 18.96
N TRP A 98 -10.80 4.27 20.04
CA TRP A 98 -10.68 2.82 19.90
C TRP A 98 -12.00 2.21 19.44
N LEU A 99 -11.94 1.26 18.49
CA LEU A 99 -13.09 0.65 17.86
C LEU A 99 -13.21 -0.76 18.41
N ARG A 100 -14.18 -1.49 17.90
CA ARG A 100 -14.47 -2.85 18.36
C ARG A 100 -14.38 -3.85 17.22
N PRO A 101 -13.15 -4.18 16.73
CA PRO A 101 -13.00 -5.08 15.57
C PRO A 101 -13.49 -6.49 15.91
N GLU A 102 -13.46 -6.85 17.19
CA GLU A 102 -13.92 -8.16 17.65
C GLU A 102 -15.39 -8.41 17.33
N GLU A 103 -16.18 -7.34 17.14
CA GLU A 103 -17.60 -7.46 16.82
C GLU A 103 -17.82 -7.96 15.41
N ILE A 104 -16.83 -7.85 14.50
CA ILE A 104 -17.05 -8.30 13.14
C ILE A 104 -16.06 -9.40 12.71
N THR A 105 -15.09 -9.79 13.54
CA THR A 105 -14.09 -10.78 13.12
C THR A 105 -14.70 -12.18 12.92
N ALA A 106 -15.77 -12.50 13.64
CA ALA A 106 -16.53 -13.72 13.32
C ALA A 106 -16.97 -13.70 11.86
N ASP A 107 -17.51 -12.57 11.39
CA ASP A 107 -17.98 -12.49 10.02
C ASP A 107 -16.82 -12.19 9.04
N ARG A 108 -15.80 -11.45 9.50
CA ARG A 108 -14.67 -11.12 8.62
C ARG A 108 -13.36 -11.29 9.37
N PRO A 109 -12.85 -12.54 9.49
CA PRO A 109 -11.60 -12.83 10.20
C PRO A 109 -10.40 -11.98 9.78
N GLU A 110 -10.30 -11.69 8.47
CA GLU A 110 -9.33 -10.78 7.87
C GLU A 110 -9.06 -9.55 8.75
N VAL A 111 -10.10 -9.00 9.36
CA VAL A 111 -10.01 -7.74 10.05
C VAL A 111 -9.04 -7.83 11.24
N GLY A 112 -8.78 -9.05 11.75
CA GLY A 112 -7.90 -9.23 12.90
C GLY A 112 -6.47 -9.66 12.57
N THR A 113 -5.99 -9.42 11.33
CA THR A 113 -4.69 -9.94 10.90
C THR A 113 -3.61 -8.86 10.84
N GLY A 114 -3.87 -7.65 11.36
CA GLY A 114 -2.89 -6.59 11.32
C GLY A 114 -1.70 -6.86 12.24
N LEU A 115 -0.57 -6.18 11.98
CA LEU A 115 0.68 -6.46 12.68
C LEU A 115 1.37 -5.17 13.12
N LEU A 116 2.06 -5.26 14.26
CA LEU A 116 3.11 -4.30 14.60
C LEU A 116 4.42 -4.93 14.14
N VAL A 117 5.05 -4.32 13.14
CA VAL A 117 6.28 -4.85 12.57
C VAL A 117 7.03 -3.72 11.88
N ALA A 118 8.35 -3.67 12.08
CA ALA A 118 9.13 -2.54 11.58
C ALA A 118 9.16 -2.58 10.05
N GLN A 119 8.93 -1.41 9.43
CA GLN A 119 8.85 -1.28 7.99
C GLN A 119 10.08 -1.89 7.29
N PRO A 120 11.35 -1.77 7.76
CA PRO A 120 12.46 -2.42 7.07
C PRO A 120 12.34 -3.93 6.94
N ARG A 121 11.58 -4.55 7.83
CA ARG A 121 11.33 -5.99 7.77
C ARG A 121 10.41 -6.32 6.58
N LEU A 122 9.40 -5.49 6.33
CA LEU A 122 8.56 -5.66 5.15
C LEU A 122 9.40 -5.52 3.89
N THR A 123 10.18 -4.42 3.81
CA THR A 123 11.00 -4.17 2.66
C THR A 123 11.99 -5.31 2.44
N GLU A 124 12.58 -5.86 3.50
CA GLU A 124 13.50 -7.00 3.40
C GLU A 124 12.78 -8.24 2.84
N VAL A 125 11.57 -8.51 3.30
CA VAL A 125 10.80 -9.66 2.80
C VAL A 125 10.56 -9.52 1.30
N LEU A 126 10.19 -8.31 0.86
CA LEU A 126 9.88 -8.11 -0.54
C LEU A 126 11.17 -8.18 -1.37
N GLU A 127 12.25 -7.58 -0.84
CA GLU A 127 13.51 -7.60 -1.54
C GLU A 127 14.03 -9.03 -1.73
N GLN A 128 13.97 -9.87 -0.69
CA GLN A 128 14.37 -11.24 -0.84
C GLN A 128 13.54 -11.96 -1.90
N ARG A 129 12.23 -11.78 -1.89
CA ARG A 129 11.40 -12.40 -2.90
C ARG A 129 11.75 -11.88 -4.30
N ALA A 130 11.99 -10.57 -4.46
CA ALA A 130 12.37 -10.03 -5.77
C ALA A 130 13.66 -10.70 -6.27
N ARG A 131 14.66 -10.88 -5.36
CA ARG A 131 15.92 -11.53 -5.72
C ARG A 131 15.66 -12.97 -6.18
N GLU A 132 14.79 -13.71 -5.50
CA GLU A 132 14.45 -15.06 -5.94
C GLU A 132 13.77 -15.08 -7.31
N LEU A 133 13.05 -14.03 -7.68
CA LEU A 133 12.38 -13.99 -8.97
C LEU A 133 13.31 -13.42 -10.05
N GLY A 134 14.55 -13.14 -9.66
CA GLY A 134 15.58 -12.72 -10.61
C GLY A 134 15.59 -11.22 -10.88
N VAL A 135 14.99 -10.41 -9.99
CA VAL A 135 14.83 -9.00 -10.31
C VAL A 135 16.14 -8.27 -10.03
N ASP A 136 16.60 -7.47 -10.99
CA ASP A 136 17.82 -6.70 -10.77
C ASP A 136 17.45 -5.36 -10.14
N VAL A 137 18.05 -5.16 -8.95
CA VAL A 137 17.88 -3.98 -8.11
C VAL A 137 19.17 -3.17 -8.09
N ARG A 138 19.10 -1.99 -8.68
CA ARG A 138 20.26 -1.20 -8.98
C ARG A 138 20.29 -0.01 -8.05
N ARG A 139 21.04 -0.14 -6.96
CA ARG A 139 21.17 0.90 -5.96
C ARG A 139 22.25 1.89 -6.42
N GLY A 140 22.29 3.06 -5.78
CA GLY A 140 23.15 4.17 -6.18
C GLY A 140 22.77 4.72 -7.56
N HIS A 141 21.51 4.53 -7.98
CA HIS A 141 21.05 5.01 -9.27
C HIS A 141 19.94 6.04 -9.08
N GLU A 142 20.21 7.31 -9.38
CA GLU A 142 19.25 8.39 -9.21
C GLU A 142 18.68 8.81 -10.56
N VAL A 143 17.35 8.79 -10.70
CA VAL A 143 16.71 9.29 -11.89
C VAL A 143 16.70 10.82 -11.84
N THR A 144 17.21 11.46 -12.93
CA THR A 144 17.26 12.92 -13.01
C THR A 144 16.40 13.48 -14.15
N GLU A 145 16.11 12.73 -15.20
CA GLU A 145 15.29 13.23 -16.29
C GLU A 145 14.55 12.07 -16.90
N LEU A 146 13.49 12.39 -17.67
CA LEU A 146 12.65 11.39 -18.30
C LEU A 146 12.19 11.93 -19.66
N ARG A 147 12.24 11.09 -20.70
CA ARG A 147 11.72 11.44 -22.00
C ARG A 147 10.91 10.27 -22.55
N GLN A 148 9.65 10.55 -22.90
CA GLN A 148 8.78 9.58 -23.52
C GLN A 148 8.94 9.61 -25.04
N SER A 149 8.87 8.43 -25.63
CA SER A 149 8.72 8.24 -27.06
C SER A 149 7.45 7.42 -27.26
N PRO A 150 6.92 7.31 -28.49
CA PRO A 150 5.68 6.55 -28.70
C PRO A 150 5.72 5.09 -28.19
N GLY A 151 6.91 4.46 -28.26
CA GLY A 151 7.03 3.04 -28.02
C GLY A 151 7.89 2.67 -26.81
N HIS A 152 8.50 3.66 -26.15
CA HIS A 152 9.36 3.39 -25.01
C HIS A 152 9.58 4.68 -24.24
N VAL A 153 10.27 4.55 -23.11
CA VAL A 153 10.67 5.68 -22.30
C VAL A 153 12.15 5.58 -22.06
N THR A 154 12.81 6.74 -21.92
CA THR A 154 14.22 6.85 -21.62
C THR A 154 14.45 7.72 -20.40
N LEU A 155 15.20 7.17 -19.43
CA LEU A 155 15.55 7.88 -18.21
C LEU A 155 16.99 8.32 -18.26
N LYS A 156 17.30 9.49 -17.72
CA LYS A 156 18.68 9.87 -17.44
C LYS A 156 18.98 9.53 -15.98
N LEU A 157 20.12 8.87 -15.73
CA LEU A 157 20.50 8.41 -14.39
C LEU A 157 21.81 9.04 -13.97
N ARG A 158 22.03 9.10 -12.66
CA ARG A 158 23.28 9.46 -12.03
C ARG A 158 23.72 8.34 -11.08
N THR A 159 24.98 7.90 -11.25
CA THR A 159 25.65 6.98 -10.32
C THR A 159 26.98 7.62 -9.92
N SER A 160 27.74 6.95 -9.05
CA SER A 160 29.06 7.47 -8.67
C SER A 160 30.05 7.35 -9.83
N ALA A 161 29.77 6.47 -10.81
CA ALA A 161 30.49 6.54 -12.07
C ALA A 161 30.17 7.88 -12.73
N GLY A 162 28.91 8.10 -13.11
CA GLY A 162 28.49 9.33 -13.73
C GLY A 162 27.13 9.16 -14.43
N ASP A 163 26.86 10.02 -15.41
CA ASP A 163 25.56 10.09 -16.06
C ASP A 163 25.40 8.93 -17.05
N SER A 164 24.16 8.45 -17.23
CA SER A 164 23.85 7.42 -18.18
C SER A 164 22.37 7.43 -18.54
N THR A 165 21.97 6.49 -19.40
CA THR A 165 20.62 6.42 -19.95
C THR A 165 20.12 5.00 -19.76
N LEU A 166 18.78 4.83 -19.64
CA LEU A 166 18.17 3.53 -19.56
C LEU A 166 16.82 3.58 -20.27
N ARG A 167 16.58 2.62 -21.13
CA ARG A 167 15.39 2.54 -21.94
C ARG A 167 14.45 1.52 -21.28
N GLY A 168 13.15 1.86 -21.15
CA GLY A 168 12.13 0.89 -20.72
C GLY A 168 10.88 0.97 -21.58
N SER A 169 10.04 -0.07 -21.48
CA SER A 169 8.72 -0.05 -22.08
C SER A 169 7.79 0.91 -21.29
N TYR A 170 7.89 0.86 -19.96
CA TYR A 170 7.09 1.67 -19.05
C TYR A 170 7.98 2.13 -17.92
N VAL A 171 7.59 3.23 -17.29
CA VAL A 171 8.26 3.67 -16.08
C VAL A 171 7.18 3.85 -15.02
N VAL A 172 7.44 3.29 -13.84
CA VAL A 172 6.56 3.48 -12.69
C VAL A 172 7.30 4.24 -11.61
N ALA A 173 6.73 5.38 -11.23
CA ALA A 173 7.18 6.16 -10.09
C ALA A 173 6.77 5.44 -8.81
N ALA A 174 7.74 4.90 -8.10
CA ALA A 174 7.55 4.38 -6.75
C ALA A 174 8.56 5.06 -5.86
N ASP A 175 8.73 6.37 -6.12
CA ASP A 175 9.83 7.09 -5.54
C ASP A 175 9.39 8.00 -4.39
N GLY A 176 8.26 7.68 -3.72
CA GLY A 176 7.92 8.37 -2.49
C GLY A 176 7.18 9.69 -2.69
N ALA A 177 6.88 10.29 -1.53
CA ALA A 177 5.90 11.36 -1.44
C ALA A 177 6.38 12.62 -2.15
N GLY A 178 7.71 12.81 -2.22
CA GLY A 178 8.26 13.95 -2.95
C GLY A 178 8.61 13.60 -4.40
N SER A 179 8.06 12.49 -4.92
CA SER A 179 8.38 11.89 -6.22
C SER A 179 9.07 12.81 -7.25
N THR A 180 10.33 12.48 -7.58
CA THR A 180 11.03 13.07 -8.72
C THR A 180 10.23 12.87 -10.02
N VAL A 181 9.78 11.63 -10.24
CA VAL A 181 9.10 11.27 -11.47
C VAL A 181 7.79 12.02 -11.62
N ARG A 182 7.01 12.17 -10.54
CA ARG A 182 5.74 12.86 -10.66
C ARG A 182 6.00 14.30 -11.13
N ARG A 183 7.04 14.92 -10.56
CA ARG A 183 7.42 16.28 -10.94
C ARG A 183 7.91 16.31 -12.40
N LEU A 184 8.73 15.33 -12.82
CA LEU A 184 9.24 15.33 -14.20
C LEU A 184 8.10 15.14 -15.18
N ALA A 185 7.03 14.45 -14.78
CA ALA A 185 5.88 14.22 -15.66
C ALA A 185 4.90 15.38 -15.63
N GLY A 186 5.18 16.39 -14.79
CA GLY A 186 4.36 17.58 -14.62
C GLY A 186 2.97 17.25 -14.06
N ILE A 187 2.87 16.26 -13.16
CA ILE A 187 1.57 15.88 -12.62
C ILE A 187 1.36 16.61 -11.29
N ASP A 188 0.23 17.28 -11.15
CA ASP A 188 -0.10 18.05 -9.96
C ASP A 188 -0.54 17.08 -8.86
N PHE A 189 -0.35 17.55 -7.63
CA PHE A 189 -0.59 16.77 -6.43
C PHE A 189 -1.50 17.56 -5.49
N PRO A 190 -2.79 17.79 -5.83
CA PRO A 190 -3.65 18.61 -4.96
C PRO A 190 -4.08 17.90 -3.67
N GLY A 191 -4.45 18.69 -2.64
CA GLY A 191 -5.08 18.18 -1.43
C GLY A 191 -5.71 19.30 -0.62
N SER A 192 -5.85 19.08 0.68
CA SER A 192 -6.76 19.85 1.53
C SER A 192 -6.03 20.98 2.24
N GLY A 193 -4.71 20.94 2.21
CA GLY A 193 -3.91 21.86 2.99
C GLY A 193 -3.51 21.31 4.35
N TRP A 194 -4.01 20.13 4.76
CA TRP A 194 -3.47 19.54 5.96
C TRP A 194 -1.99 19.25 5.75
N THR A 195 -1.17 19.95 6.53
CA THR A 195 0.25 19.71 6.55
C THR A 195 0.55 19.50 8.03
N VAL A 196 1.08 18.34 8.38
CA VAL A 196 1.21 18.03 9.79
C VAL A 196 2.63 17.55 10.02
N SER A 197 3.26 18.14 11.04
CA SER A 197 4.66 17.92 11.33
C SER A 197 4.79 17.07 12.60
N GLY A 198 5.88 16.32 12.70
CA GLY A 198 6.16 15.51 13.85
C GLY A 198 7.64 15.19 13.98
N ILE A 199 7.96 14.47 15.06
CA ILE A 199 9.26 13.88 15.23
C ILE A 199 9.08 12.36 15.27
N VAL A 200 9.94 11.66 14.57
CA VAL A 200 10.06 10.21 14.70
C VAL A 200 11.50 9.90 15.10
N GLY A 201 11.65 8.88 15.95
CA GLY A 201 12.96 8.40 16.34
C GLY A 201 12.87 7.10 17.15
N ASP A 202 14.05 6.58 17.49
CA ASP A 202 14.23 5.35 18.23
C ASP A 202 15.03 5.72 19.46
N VAL A 203 14.58 5.24 20.62
CA VAL A 203 15.16 5.55 21.89
C VAL A 203 15.48 4.24 22.60
N THR A 204 16.66 4.17 23.22
CA THR A 204 17.04 3.04 24.06
C THR A 204 16.35 3.19 25.42
N VAL A 205 15.63 2.14 25.84
CA VAL A 205 14.88 2.16 27.08
C VAL A 205 15.01 0.80 27.77
N ASP A 206 14.78 0.80 29.08
CA ASP A 206 14.38 -0.39 29.81
C ASP A 206 12.85 -0.43 29.78
N PHE A 207 12.24 -1.36 29.04
CA PHE A 207 10.79 -1.33 28.88
C PHE A 207 10.03 -1.40 30.21
N SER A 208 10.60 -2.06 31.24
CA SER A 208 9.94 -2.16 32.54
C SER A 208 9.80 -0.79 33.22
N GLU A 209 10.70 0.14 32.90
CA GLU A 209 10.69 1.46 33.50
C GLU A 209 9.58 2.36 32.93
N LEU A 210 9.00 2.00 31.78
CA LEU A 210 8.08 2.90 31.11
C LEU A 210 6.77 2.98 31.87
N ALA A 211 6.29 4.21 32.09
CA ALA A 211 4.94 4.35 32.57
C ALA A 211 4.00 4.01 31.42
N VAL A 212 2.81 3.48 31.76
CA VAL A 212 1.85 2.99 30.78
C VAL A 212 1.57 4.05 29.71
N HIS A 213 1.59 5.33 30.08
CA HIS A 213 1.29 6.40 29.13
C HIS A 213 2.40 6.59 28.10
N HIS A 214 3.53 5.89 28.25
CA HIS A 214 4.60 5.95 27.26
C HIS A 214 4.54 4.79 26.28
N LEU A 215 3.60 3.85 26.46
CA LEU A 215 3.32 2.79 25.50
C LEU A 215 1.99 2.99 24.79
N GLY A 216 1.97 2.59 23.52
CA GLY A 216 0.79 2.71 22.67
C GLY A 216 0.69 4.11 22.06
N ALA A 217 -0.42 4.32 21.36
CA ALA A 217 -0.72 5.56 20.64
C ALA A 217 -1.86 6.30 21.35
N HIS A 218 -1.67 7.61 21.60
CA HIS A 218 -2.56 8.40 22.43
C HIS A 218 -2.81 9.76 21.78
N TYR A 219 -4.08 10.17 21.73
CA TYR A 219 -4.42 11.55 21.45
C TYR A 219 -4.51 12.31 22.76
N LEU A 220 -3.72 13.40 22.86
CA LEU A 220 -3.68 14.21 24.07
C LEU A 220 -4.70 15.33 23.86
N PRO A 221 -5.75 15.42 24.72
CA PRO A 221 -6.82 16.40 24.52
C PRO A 221 -6.34 17.83 24.31
N ALA A 222 -5.14 18.17 24.81
CA ALA A 222 -4.54 19.47 24.59
C ALA A 222 -4.38 19.76 23.10
N GLY A 223 -4.19 18.70 22.30
CA GLY A 223 -3.95 18.85 20.86
C GLY A 223 -2.60 18.29 20.43
N GLY A 224 -2.45 16.96 20.51
CA GLY A 224 -1.29 16.30 19.92
C GLY A 224 -1.41 14.78 19.98
N VAL A 225 -0.43 14.11 19.38
CA VAL A 225 -0.38 12.67 19.36
C VAL A 225 0.98 12.21 19.87
N TYR A 226 0.96 11.20 20.74
CA TYR A 226 2.17 10.53 21.14
C TYR A 226 1.99 9.04 20.84
N SER A 227 3.05 8.41 20.29
CA SER A 227 3.05 6.98 20.07
C SER A 227 4.40 6.42 20.49
N GLY A 228 4.33 5.34 21.28
CA GLY A 228 5.50 4.60 21.70
C GLY A 228 5.25 3.12 21.42
N ALA A 229 6.09 2.50 20.61
CA ALA A 229 5.93 1.08 20.37
C ALA A 229 7.29 0.40 20.31
N PRO A 230 7.42 -0.82 20.87
CA PRO A 230 8.69 -1.52 20.81
C PRO A 230 9.07 -1.84 19.37
N ALA A 231 10.34 -1.60 19.02
CA ALA A 231 10.82 -1.81 17.68
C ALA A 231 11.84 -2.95 17.63
N GLY A 232 12.31 -3.39 18.80
CA GLY A 232 13.41 -4.33 18.90
C GLY A 232 13.89 -4.37 20.34
N PRO A 233 14.86 -5.24 20.68
CA PRO A 233 15.38 -5.30 22.05
C PRO A 233 15.87 -3.96 22.58
N GLY A 234 15.27 -3.51 23.68
CA GLY A 234 15.56 -2.25 24.34
C GLY A 234 15.41 -1.03 23.42
N VAL A 235 14.59 -1.11 22.37
CA VAL A 235 14.40 0.04 21.47
C VAL A 235 12.91 0.39 21.41
N LEU A 236 12.59 1.65 21.78
CA LEU A 236 11.25 2.17 21.63
C LEU A 236 11.20 3.13 20.44
N ARG A 237 10.27 2.89 19.52
CA ARG A 237 9.99 3.83 18.44
C ARG A 237 8.96 4.84 18.94
N VAL A 238 9.27 6.12 18.75
CA VAL A 238 8.50 7.19 19.32
C VAL A 238 8.13 8.14 18.18
N ILE A 239 6.87 8.52 18.13
CA ILE A 239 6.39 9.57 17.25
C ILE A 239 5.69 10.58 18.14
N THR A 240 5.99 11.88 17.95
CA THR A 240 5.29 12.96 18.62
C THR A 240 4.81 13.95 17.55
N THR A 241 3.56 14.40 17.66
CA THR A 241 3.16 15.61 16.94
C THR A 241 2.42 16.52 17.88
N VAL A 242 2.85 17.78 17.87
CA VAL A 242 2.17 18.83 18.59
C VAL A 242 1.47 19.69 17.55
N PHE A 243 0.14 19.65 17.54
CA PHE A 243 -0.64 20.32 16.52
C PHE A 243 -0.61 21.84 16.69
N GLY A 244 -0.59 22.58 15.57
CA GLY A 244 -0.68 24.03 15.62
C GLY A 244 0.58 24.70 16.19
N ALA A 245 1.51 23.89 16.72
CA ALA A 245 2.84 24.36 17.05
C ALA A 245 3.65 24.37 15.77
N THR A 246 4.09 25.57 15.33
CA THR A 246 5.01 25.68 14.22
C THR A 246 6.35 25.12 14.68
N PRO A 247 6.91 24.04 14.07
CA PRO A 247 8.15 23.46 14.57
C PRO A 247 9.32 24.43 14.39
N PRO A 248 10.45 24.24 15.12
CA PRO A 248 11.65 25.06 14.89
C PRO A 248 12.10 25.10 13.43
N ALA A 249 11.94 23.96 12.74
CA ALA A 249 12.17 23.80 11.31
C ALA A 249 11.23 22.72 10.77
N PRO A 250 10.93 22.68 9.46
CA PRO A 250 10.04 21.67 8.88
C PRO A 250 10.66 20.28 8.67
N SER A 251 12.00 20.19 8.67
CA SER A 251 12.64 18.89 8.55
C SER A 251 14.03 18.92 9.18
N GLY A 252 14.71 17.77 9.07
CA GLY A 252 16.09 17.64 9.51
C GLY A 252 16.22 16.78 10.76
N PRO A 253 17.48 16.44 11.14
CA PRO A 253 17.74 15.68 12.37
C PRO A 253 17.34 16.49 13.60
N VAL A 254 17.12 15.76 14.70
CA VAL A 254 16.55 16.30 15.91
C VAL A 254 17.32 15.70 17.08
N ALA A 255 17.66 16.51 18.08
CA ALA A 255 18.46 16.05 19.21
C ALA A 255 17.53 15.55 20.33
N ALA A 256 18.11 14.81 21.28
CA ALA A 256 17.39 14.25 22.41
C ALA A 256 16.53 15.28 23.12
N GLU A 257 17.11 16.46 23.39
CA GLU A 257 16.44 17.53 24.10
C GLU A 257 15.11 17.89 23.42
N GLU A 258 15.13 17.98 22.09
CA GLU A 258 13.94 18.42 21.36
C GLU A 258 12.88 17.32 21.43
N LEU A 259 13.30 16.07 21.25
CA LEU A 259 12.35 14.97 21.32
C LEU A 259 11.80 14.87 22.74
N GLN A 260 12.69 14.86 23.75
CA GLN A 260 12.24 14.79 25.14
C GLN A 260 11.34 15.98 25.47
N GLY A 261 11.62 17.14 24.85
CA GLY A 261 10.77 18.31 25.00
C GLY A 261 9.32 18.04 24.61
N GLU A 262 9.14 17.43 23.42
CA GLU A 262 7.80 17.14 22.90
C GLU A 262 7.13 16.03 23.69
N VAL A 263 7.87 14.95 24.00
CA VAL A 263 7.30 13.90 24.81
C VAL A 263 6.77 14.47 26.12
N GLU A 264 7.58 15.29 26.82
CA GLU A 264 7.15 15.82 28.12
C GLU A 264 5.99 16.80 27.95
N HIS A 265 6.07 17.67 26.94
CA HIS A 265 4.99 18.58 26.62
C HIS A 265 3.66 17.83 26.46
N LEU A 266 3.68 16.67 25.79
CA LEU A 266 2.46 15.98 25.47
C LEU A 266 1.98 15.14 26.64
N THR A 267 2.88 14.32 27.19
CA THR A 267 2.52 13.28 28.13
C THR A 267 2.78 13.71 29.59
N GLY A 268 3.43 14.85 29.80
CA GLY A 268 3.68 15.35 31.14
C GLY A 268 5.02 14.89 31.71
N GLN A 269 5.72 14.00 30.99
CA GLN A 269 6.86 13.30 31.55
C GLN A 269 7.81 12.94 30.40
N PRO A 270 9.14 13.16 30.53
CA PRO A 270 10.10 12.72 29.53
C PRO A 270 10.25 11.20 29.62
N LEU A 271 10.88 10.60 28.61
CA LEU A 271 11.08 9.16 28.59
C LEU A 271 12.26 8.84 29.49
N PRO A 272 12.27 7.66 30.14
CA PRO A 272 13.47 7.14 30.80
C PRO A 272 14.49 6.64 29.79
N ALA A 273 15.14 7.57 29.10
CA ALA A 273 15.91 7.21 27.92
C ALA A 273 17.39 7.13 28.26
N ARG A 274 18.02 6.02 27.86
CA ARG A 274 19.48 5.87 27.92
C ARG A 274 20.13 6.75 26.85
N GLU A 275 19.57 6.67 25.63
CA GLU A 275 20.13 7.32 24.46
C GLU A 275 19.04 7.45 23.40
N VAL A 276 19.06 8.56 22.67
CA VAL A 276 18.28 8.66 21.45
C VAL A 276 19.18 8.19 20.32
N LEU A 277 18.87 7.02 19.75
CA LEU A 277 19.66 6.46 18.67
C LEU A 277 19.64 7.35 17.44
N TRP A 278 18.43 7.71 16.99
CA TRP A 278 18.25 8.65 15.89
C TRP A 278 16.87 9.29 16.07
N ALA A 279 16.70 10.49 15.53
CA ALA A 279 15.43 11.20 15.55
C ALA A 279 15.42 12.27 14.46
N ARG A 280 14.29 12.38 13.74
CA ARG A 280 14.16 13.35 12.67
C ARG A 280 12.78 14.00 12.68
N ARG A 281 12.74 15.23 12.17
CA ARG A 281 11.52 15.98 12.01
C ARG A 281 10.95 15.57 10.65
N PHE A 282 9.65 15.25 10.60
CA PHE A 282 9.00 14.92 9.35
C PHE A 282 7.85 15.92 9.15
N THR A 283 7.51 16.18 7.89
CA THR A 283 6.34 16.99 7.58
C THR A 283 5.52 16.24 6.54
N SER A 284 4.26 15.88 6.87
CA SER A 284 3.44 15.11 5.93
C SER A 284 2.59 16.07 5.12
N HIS A 285 2.56 15.87 3.81
CA HIS A 285 1.70 16.65 2.96
C HIS A 285 0.51 15.77 2.62
N SER A 286 -0.64 16.41 2.43
CA SER A 286 -1.82 15.73 1.97
C SER A 286 -1.96 15.94 0.48
N GLY A 287 -1.96 14.85 -0.29
CA GLY A 287 -2.09 14.96 -1.73
C GLY A 287 -2.56 13.67 -2.37
N ASN A 288 -3.26 13.84 -3.50
CA ASN A 288 -3.56 12.75 -4.39
C ASN A 288 -3.22 13.24 -5.79
N ALA A 289 -2.40 12.49 -6.55
CA ALA A 289 -1.99 12.94 -7.88
C ALA A 289 -3.19 13.04 -8.82
N GLU A 290 -3.23 14.10 -9.63
CA GLU A 290 -4.39 14.35 -10.48
C GLU A 290 -4.60 13.24 -11.49
N ARG A 291 -3.51 12.67 -12.01
CA ARG A 291 -3.61 11.41 -12.71
C ARG A 291 -2.47 10.47 -12.35
N TYR A 292 -2.81 9.18 -12.41
CA TYR A 292 -1.89 8.12 -12.02
C TYR A 292 -1.14 7.59 -13.24
N ARG A 293 -1.55 8.01 -14.47
CA ARG A 293 -0.90 7.56 -15.70
C ARG A 293 -0.70 8.77 -16.62
N SER A 294 0.49 8.87 -17.23
CA SER A 294 0.74 9.82 -18.31
C SER A 294 1.55 9.11 -19.39
N GLY A 295 0.86 8.66 -20.42
CA GLY A 295 1.43 7.89 -21.50
C GLY A 295 1.94 6.55 -20.98
N ARG A 296 3.27 6.41 -20.97
CA ARG A 296 3.90 5.18 -20.54
C ARG A 296 4.49 5.36 -19.14
N VAL A 297 4.10 6.43 -18.42
CA VAL A 297 4.55 6.70 -17.06
C VAL A 297 3.38 6.52 -16.08
N PHE A 298 3.63 5.77 -15.00
CA PHE A 298 2.62 5.52 -13.98
C PHE A 298 3.15 5.97 -12.63
N LEU A 299 2.22 6.38 -11.73
CA LEU A 299 2.56 6.66 -10.35
C LEU A 299 1.94 5.59 -9.45
N ALA A 300 2.68 5.21 -8.40
CA ALA A 300 2.18 4.29 -7.39
C ALA A 300 2.75 4.61 -6.02
N GLY A 301 1.99 4.22 -4.98
CA GLY A 301 2.37 4.43 -3.59
C GLY A 301 2.38 5.92 -3.24
N ASP A 302 3.35 6.30 -2.41
CA ASP A 302 3.39 7.65 -1.88
C ASP A 302 3.55 8.66 -3.01
N ALA A 303 4.11 8.23 -4.16
CA ALA A 303 4.25 9.16 -5.27
C ALA A 303 2.87 9.55 -5.78
N ALA A 304 1.87 8.66 -5.61
CA ALA A 304 0.51 8.92 -6.07
C ALA A 304 -0.39 9.56 -5.00
N HIS A 305 -0.11 9.33 -3.72
CA HIS A 305 -0.96 9.82 -2.64
C HIS A 305 -0.13 9.90 -1.35
N SER A 306 -0.41 10.93 -0.56
CA SER A 306 0.23 11.13 0.71
C SER A 306 -0.75 11.75 1.70
N PHE A 307 -0.48 11.50 2.97
CA PHE A 307 -1.29 11.95 4.08
C PHE A 307 -0.59 11.56 5.38
N TYR A 308 -0.97 12.20 6.47
CA TYR A 308 -0.34 11.94 7.75
C TYR A 308 -0.52 10.48 8.12
N PRO A 309 0.55 9.78 8.54
CA PRO A 309 0.46 8.35 8.87
C PRO A 309 -0.04 8.03 10.27
N LEU A 310 -1.33 8.23 10.49
CA LEU A 310 -1.89 8.01 11.82
C LEU A 310 -2.04 6.53 12.11
N GLY A 311 -2.45 5.78 11.09
CA GLY A 311 -2.68 4.33 11.16
C GLY A 311 -1.85 3.59 10.09
N GLY A 312 -2.49 2.68 9.35
CA GLY A 312 -1.82 1.83 8.35
C GLY A 312 -2.30 2.05 6.90
N LEU A 313 -3.07 3.11 6.62
CA LEU A 313 -3.58 3.28 5.26
C LEU A 313 -2.48 3.71 4.28
N ARG A 314 -1.36 4.26 4.74
CA ARG A 314 -0.31 4.61 3.79
C ARG A 314 0.22 3.36 3.09
N LEU A 315 0.66 2.37 3.88
CA LEU A 315 1.21 1.17 3.28
C LEU A 315 0.13 0.34 2.57
N SER A 316 -1.13 0.30 3.06
CA SER A 316 -2.11 -0.49 2.38
C SER A 316 -2.46 0.13 1.04
N THR A 317 -2.60 1.46 0.94
CA THR A 317 -2.85 2.01 -0.40
C THR A 317 -1.65 1.80 -1.32
N CYS A 318 -0.42 1.90 -0.78
CA CYS A 318 0.81 1.64 -1.53
C CYS A 318 0.80 0.25 -2.18
N LEU A 319 0.63 -0.81 -1.37
CA LEU A 319 0.72 -2.15 -1.90
C LEU A 319 -0.51 -2.48 -2.74
N GLN A 320 -1.66 -1.86 -2.45
CA GLN A 320 -2.84 -2.08 -3.31
C GLN A 320 -2.62 -1.49 -4.70
N ASP A 321 -1.95 -0.35 -4.81
CA ASP A 321 -1.58 0.18 -6.11
C ASP A 321 -0.64 -0.78 -6.84
N ALA A 322 0.38 -1.29 -6.14
CA ALA A 322 1.38 -2.13 -6.76
C ALA A 322 0.72 -3.39 -7.31
N VAL A 323 -0.17 -3.98 -6.53
CA VAL A 323 -0.75 -5.25 -6.96
C VAL A 323 -1.81 -5.00 -8.04
N ASN A 324 -2.46 -3.83 -8.05
CA ASN A 324 -3.42 -3.53 -9.12
C ASN A 324 -2.64 -3.43 -10.44
N LEU A 325 -1.51 -2.76 -10.41
CA LEU A 325 -0.78 -2.38 -11.61
C LEU A 325 0.05 -3.53 -12.21
N GLY A 326 0.72 -4.33 -11.39
CA GLY A 326 1.70 -5.26 -11.91
C GLY A 326 1.12 -6.23 -12.95
N TRP A 327 0.03 -6.93 -12.61
CA TRP A 327 -0.48 -7.93 -13.51
C TRP A 327 -0.98 -7.27 -14.79
N LYS A 328 -1.49 -6.04 -14.66
CA LYS A 328 -2.01 -5.32 -15.82
C LYS A 328 -0.88 -4.93 -16.80
N LEU A 329 0.23 -4.40 -16.27
CA LEU A 329 1.43 -4.11 -17.07
C LEU A 329 1.89 -5.40 -17.76
N ALA A 330 1.94 -6.50 -16.99
CA ALA A 330 2.43 -7.74 -17.55
C ALA A 330 1.50 -8.25 -18.67
N ALA A 331 0.20 -8.08 -18.52
CA ALA A 331 -0.74 -8.59 -19.51
C ALA A 331 -0.62 -7.77 -20.79
N ASP A 332 -0.35 -6.50 -20.59
CA ASP A 332 -0.19 -5.58 -21.71
C ASP A 332 1.06 -5.96 -22.50
N LEU A 333 2.20 -6.08 -21.83
CA LEU A 333 3.44 -6.50 -22.48
C LEU A 333 3.33 -7.90 -23.10
N ALA A 334 2.60 -8.84 -22.49
CA ALA A 334 2.57 -10.19 -22.99
C ALA A 334 1.66 -10.26 -24.22
N GLY A 335 0.81 -9.24 -24.40
CA GLY A 335 0.02 -9.05 -25.58
C GLY A 335 -1.43 -9.53 -25.43
N TRP A 336 -1.87 -9.97 -24.25
CA TRP A 336 -3.22 -10.52 -24.10
C TRP A 336 -4.18 -9.60 -23.37
N ALA A 337 -3.71 -8.45 -22.84
CA ALA A 337 -4.57 -7.55 -22.09
C ALA A 337 -5.77 -7.16 -22.94
N PRO A 338 -7.00 -7.13 -22.38
CA PRO A 338 -8.13 -6.57 -23.13
C PRO A 338 -7.89 -5.09 -23.35
N PRO A 339 -8.54 -4.48 -24.34
CA PRO A 339 -8.32 -3.05 -24.60
C PRO A 339 -8.78 -2.22 -23.39
N GLY A 340 -8.03 -1.17 -23.09
CA GLY A 340 -8.31 -0.33 -21.94
C GLY A 340 -7.81 -0.88 -20.59
N LEU A 341 -7.10 -2.01 -20.54
CA LEU A 341 -6.84 -2.62 -19.24
C LEU A 341 -5.97 -1.70 -18.39
N LEU A 342 -4.94 -1.14 -19.01
CA LEU A 342 -4.05 -0.25 -18.31
C LEU A 342 -4.77 1.00 -17.81
N ASP A 343 -5.83 1.43 -18.51
CA ASP A 343 -6.53 2.63 -18.08
C ASP A 343 -7.33 2.36 -16.80
N THR A 344 -7.64 1.09 -16.51
CA THR A 344 -8.39 0.77 -15.30
C THR A 344 -7.52 0.97 -14.06
N TYR A 345 -6.20 1.10 -14.21
CA TYR A 345 -5.36 1.36 -13.04
C TYR A 345 -5.71 2.70 -12.42
N HIS A 346 -5.65 3.78 -13.22
CA HIS A 346 -6.11 5.07 -12.73
C HIS A 346 -7.56 5.00 -12.29
N ALA A 347 -8.43 4.37 -13.09
CA ALA A 347 -9.86 4.40 -12.82
C ALA A 347 -10.20 3.79 -11.46
N GLU A 348 -9.46 2.74 -11.08
CA GLU A 348 -9.68 2.01 -9.85
C GLU A 348 -8.90 2.59 -8.68
N ARG A 349 -7.65 3.01 -8.90
CA ARG A 349 -6.79 3.39 -7.77
C ARG A 349 -6.88 4.88 -7.44
N HIS A 350 -7.16 5.76 -8.41
CA HIS A 350 -7.20 7.19 -8.14
C HIS A 350 -8.26 7.49 -7.08
N PRO A 351 -9.51 7.01 -7.19
CA PRO A 351 -10.53 7.30 -6.18
C PRO A 351 -10.18 6.65 -4.83
N GLU A 352 -9.42 5.57 -4.84
CA GLU A 352 -9.06 4.91 -3.59
C GLU A 352 -7.99 5.70 -2.86
N GLY A 353 -7.06 6.31 -3.61
CA GLY A 353 -6.08 7.20 -3.01
C GLY A 353 -6.76 8.42 -2.36
N GLU A 354 -7.75 8.94 -3.09
CA GLU A 354 -8.51 10.07 -2.61
C GLU A 354 -9.32 9.66 -1.37
N ARG A 355 -9.95 8.47 -1.36
CA ARG A 355 -10.78 8.06 -0.24
C ARG A 355 -9.92 7.93 1.02
N ALA A 356 -8.70 7.39 0.90
CA ALA A 356 -7.78 7.30 2.03
C ALA A 356 -7.32 8.67 2.50
N ARG A 357 -6.94 9.53 1.54
CA ARG A 357 -6.46 10.88 1.85
C ARG A 357 -7.55 11.63 2.63
N LEU A 358 -8.80 11.47 2.18
CA LEU A 358 -9.95 12.16 2.76
C LEU A 358 -10.28 11.60 4.15
N ALA A 359 -10.02 10.31 4.35
CA ALA A 359 -10.21 9.67 5.64
C ALA A 359 -9.20 10.20 6.66
N LEU A 360 -7.98 10.54 6.23
CA LEU A 360 -7.06 11.15 7.15
C LEU A 360 -7.45 12.60 7.43
N ASP A 361 -7.91 13.34 6.42
CA ASP A 361 -8.47 14.65 6.71
C ASP A 361 -9.57 14.55 7.79
N ALA A 362 -10.46 13.55 7.66
CA ALA A 362 -11.54 13.39 8.61
C ALA A 362 -10.99 13.18 10.02
N GLN A 363 -10.03 12.26 10.17
CA GLN A 363 -9.46 11.95 11.47
C GLN A 363 -8.73 13.16 12.07
N LEU A 364 -8.04 13.95 11.22
CA LEU A 364 -7.32 15.11 11.76
C LEU A 364 -8.29 16.19 12.22
N ALA A 365 -9.39 16.37 11.50
CA ALA A 365 -10.40 17.38 11.84
C ALA A 365 -11.15 17.05 13.14
N LEU A 366 -10.95 15.85 13.70
CA LEU A 366 -11.42 15.53 15.03
C LEU A 366 -10.34 15.69 16.09
N MET A 367 -9.18 16.29 15.73
CA MET A 367 -8.09 16.39 16.68
C MET A 367 -7.58 17.82 16.80
N HIS A 368 -7.63 18.61 15.71
CA HIS A 368 -7.01 19.94 15.72
C HIS A 368 -7.88 20.90 14.96
N PRO A 369 -8.13 22.14 15.46
CA PRO A 369 -7.67 22.61 16.78
C PRO A 369 -8.45 22.00 17.94
N ALA A 370 -7.77 21.51 18.96
CA ALA A 370 -8.35 20.60 19.95
C ALA A 370 -9.62 21.16 20.60
N ALA A 371 -9.57 22.43 21.04
CA ALA A 371 -10.67 23.03 21.75
C ALA A 371 -11.91 23.10 20.84
N ARG A 372 -11.66 23.40 19.55
CA ARG A 372 -12.72 23.59 18.58
C ARG A 372 -13.27 22.28 18.05
N THR A 373 -12.49 21.21 18.12
CA THR A 373 -12.89 19.95 17.49
C THR A 373 -13.42 18.98 18.53
N ALA A 374 -13.39 19.33 19.83
CA ALA A 374 -13.80 18.39 20.88
C ALA A 374 -15.23 17.89 20.66
N GLY A 375 -16.11 18.77 20.21
CA GLY A 375 -17.52 18.40 20.04
C GLY A 375 -17.73 17.37 18.93
N ALA A 376 -17.08 17.61 17.78
CA ALA A 376 -17.08 16.66 16.66
C ALA A 376 -16.46 15.32 17.05
N ARG A 377 -15.37 15.36 17.81
CA ARG A 377 -14.77 14.13 18.30
C ARG A 377 -15.73 13.36 19.19
N SER A 378 -16.41 14.05 20.10
CA SER A 378 -17.35 13.41 21.01
C SER A 378 -18.54 12.84 20.26
N LEU A 379 -18.99 13.56 19.23
CA LEU A 379 -20.06 13.07 18.37
C LEU A 379 -19.68 11.74 17.73
N VAL A 380 -18.49 11.67 17.12
CA VAL A 380 -18.07 10.48 16.40
C VAL A 380 -17.85 9.30 17.36
N ALA A 381 -17.29 9.58 18.54
CA ALA A 381 -17.18 8.60 19.60
C ALA A 381 -18.55 8.04 19.98
N ASP A 382 -19.58 8.91 20.07
CA ASP A 382 -20.95 8.48 20.36
C ASP A 382 -21.46 7.62 19.22
N LEU A 383 -21.38 8.12 17.98
CA LEU A 383 -21.87 7.34 16.85
C LEU A 383 -21.20 5.97 16.75
N ALA A 384 -19.93 5.86 17.19
CA ALA A 384 -19.15 4.64 17.04
C ALA A 384 -19.64 3.54 18.00
N ARG A 385 -20.52 3.89 18.93
CA ARG A 385 -21.20 2.87 19.73
C ARG A 385 -22.17 2.02 18.90
N PHE A 386 -22.72 2.57 17.81
CA PHE A 386 -23.61 1.76 17.00
C PHE A 386 -22.80 0.70 16.20
N GLU A 387 -23.41 -0.46 15.97
CA GLU A 387 -22.74 -1.56 15.31
C GLU A 387 -22.38 -1.20 13.87
N ASP A 388 -23.30 -0.57 13.12
CA ASP A 388 -23.01 -0.32 11.73
C ASP A 388 -21.93 0.75 11.56
N VAL A 389 -21.93 1.75 12.43
CA VAL A 389 -20.83 2.72 12.45
C VAL A 389 -19.50 2.04 12.79
N ASN A 390 -19.48 1.17 13.81
CA ASN A 390 -18.26 0.49 14.19
C ASN A 390 -17.70 -0.31 13.01
N ARG A 391 -18.57 -1.05 12.31
CA ARG A 391 -18.16 -1.85 11.18
C ARG A 391 -17.58 -0.97 10.07
N TYR A 392 -18.26 0.15 9.78
CA TYR A 392 -17.81 1.05 8.73
C TYR A 392 -16.40 1.54 9.04
N LEU A 393 -16.19 1.99 10.26
CA LEU A 393 -14.89 2.54 10.62
C LEU A 393 -13.80 1.47 10.67
N VAL A 394 -14.09 0.31 11.26
CA VAL A 394 -13.14 -0.77 11.34
C VAL A 394 -12.72 -1.21 9.93
N GLU A 395 -13.69 -1.41 9.03
CA GLU A 395 -13.38 -1.88 7.69
C GLU A 395 -12.55 -0.85 6.92
N LEU A 396 -12.79 0.42 7.23
CA LEU A 396 -12.02 1.52 6.62
C LEU A 396 -10.57 1.48 7.08
N VAL A 397 -10.38 1.52 8.40
CA VAL A 397 -9.04 1.74 8.92
C VAL A 397 -8.14 0.50 8.75
N THR A 398 -8.73 -0.70 8.67
CA THR A 398 -7.96 -1.91 8.49
C THR A 398 -7.63 -2.14 7.01
N GLY A 399 -8.17 -1.34 6.06
CA GLY A 399 -7.79 -1.49 4.65
C GLY A 399 -8.54 -2.61 3.92
N VAL A 400 -9.65 -3.02 4.50
CA VAL A 400 -10.39 -4.18 4.08
C VAL A 400 -11.63 -3.81 3.26
N ASP A 401 -12.05 -2.55 3.28
CA ASP A 401 -13.30 -2.19 2.59
C ASP A 401 -13.15 -1.78 1.12
N PRO A 402 -11.96 -1.68 0.45
CA PRO A 402 -11.96 -1.27 -0.96
C PRO A 402 -12.80 -2.22 -1.81
N ARG A 403 -13.60 -1.64 -2.70
CA ARG A 403 -14.36 -2.42 -3.63
C ARG A 403 -14.31 -1.67 -4.95
N TYR A 404 -13.77 -2.29 -5.99
CA TYR A 404 -13.82 -1.68 -7.30
C TYR A 404 -15.23 -1.74 -7.89
N ARG A 405 -15.49 -0.76 -8.76
CA ARG A 405 -16.74 -0.67 -9.50
C ARG A 405 -16.71 -1.59 -10.71
N VAL A 406 -17.46 -2.66 -10.62
CA VAL A 406 -17.53 -3.68 -11.64
C VAL A 406 -19.00 -4.00 -11.83
N GLY A 407 -19.49 -3.87 -13.06
CA GLY A 407 -20.90 -4.12 -13.32
C GLY A 407 -21.20 -5.57 -13.67
N THR A 408 -22.47 -5.84 -13.97
CA THR A 408 -22.93 -7.10 -14.49
C THR A 408 -22.02 -7.54 -15.65
N ASP A 409 -21.77 -8.86 -15.75
CA ASP A 409 -20.92 -9.40 -16.80
C ASP A 409 -19.47 -8.96 -16.61
N GLY A 410 -19.11 -8.46 -15.43
CA GLY A 410 -17.74 -8.04 -15.15
C GLY A 410 -17.32 -6.73 -15.82
N ALA A 411 -18.28 -5.90 -16.23
CA ALA A 411 -17.94 -4.68 -16.96
C ALA A 411 -17.20 -3.69 -16.05
N SER A 412 -16.08 -3.15 -16.54
CA SER A 412 -15.28 -2.22 -15.75
C SER A 412 -15.93 -0.83 -15.73
N GLY A 413 -15.76 -0.13 -14.59
CA GLY A 413 -16.12 1.28 -14.45
C GLY A 413 -17.60 1.54 -14.72
N SER A 414 -18.46 0.60 -14.31
CA SER A 414 -19.89 0.65 -14.59
C SER A 414 -20.49 1.89 -13.94
N VAL A 415 -21.59 2.39 -14.53
CA VAL A 415 -22.44 3.38 -13.88
C VAL A 415 -23.38 2.67 -12.92
N VAL A 416 -23.61 1.37 -13.15
CA VAL A 416 -24.50 0.55 -12.34
C VAL A 416 -23.66 -0.58 -11.76
N PRO A 417 -22.74 -0.28 -10.82
CA PRO A 417 -21.88 -1.31 -10.25
C PRO A 417 -22.70 -2.39 -9.57
N ASP A 418 -22.22 -3.63 -9.63
CA ASP A 418 -22.86 -4.74 -8.95
C ASP A 418 -22.20 -4.85 -7.58
N PRO A 419 -22.94 -4.68 -6.48
CA PRO A 419 -22.35 -4.65 -5.15
C PRO A 419 -21.76 -6.00 -4.70
N ALA A 420 -22.07 -7.10 -5.41
CA ALA A 420 -21.40 -8.38 -5.13
C ALA A 420 -20.00 -8.47 -5.73
N LEU A 421 -19.57 -7.51 -6.57
CA LEU A 421 -18.34 -7.64 -7.32
C LEU A 421 -17.34 -6.58 -6.84
N GLY A 422 -16.09 -6.78 -7.25
CA GLY A 422 -15.03 -5.80 -7.04
C GLY A 422 -14.31 -5.95 -5.70
N GLY A 423 -14.77 -6.86 -4.83
CA GLY A 423 -14.15 -7.02 -3.52
C GLY A 423 -13.22 -8.22 -3.56
N ARG A 424 -13.07 -8.90 -2.43
CA ARG A 424 -12.08 -9.95 -2.31
C ARG A 424 -12.72 -11.21 -1.73
N VAL A 425 -11.98 -12.32 -1.87
CA VAL A 425 -12.29 -13.61 -1.27
C VAL A 425 -11.05 -13.99 -0.44
N PRO A 426 -11.04 -13.61 0.85
CA PRO A 426 -9.84 -13.75 1.68
C PRO A 426 -9.32 -15.18 1.82
N GLY A 427 -10.28 -16.13 1.82
CA GLY A 427 -9.95 -17.54 1.92
C GLY A 427 -9.21 -18.08 0.70
N ALA A 428 -9.23 -17.36 -0.44
CA ALA A 428 -8.56 -17.79 -1.64
C ALA A 428 -7.04 -17.53 -1.65
N ALA A 429 -6.52 -16.74 -0.70
CA ALA A 429 -5.13 -16.31 -0.75
C ALA A 429 -4.18 -17.48 -0.97
N PRO A 430 -4.26 -18.62 -0.23
CA PRO A 430 -3.31 -19.69 -0.46
C PRO A 430 -3.33 -20.29 -1.88
N LEU A 431 -4.42 -20.06 -2.63
CA LEU A 431 -4.58 -20.65 -3.94
C LEU A 431 -3.94 -19.76 -5.02
N LEU A 432 -3.47 -18.57 -4.66
CA LEU A 432 -3.06 -17.59 -5.65
C LEU A 432 -1.55 -17.39 -5.70
N HIS A 433 -0.77 -18.20 -4.98
CA HIS A 433 0.67 -17.96 -4.88
C HIS A 433 1.37 -17.96 -6.23
N GLY A 434 0.82 -18.75 -7.15
CA GLY A 434 1.40 -18.94 -8.46
C GLY A 434 1.11 -17.78 -9.39
N GLY A 435 0.24 -16.86 -8.97
CA GLY A 435 -0.21 -15.82 -9.87
C GLY A 435 -1.33 -16.31 -10.79
N GLY A 436 -1.69 -15.43 -11.71
CA GLY A 436 -2.77 -15.70 -12.67
C GLY A 436 -4.16 -15.45 -12.07
N GLY A 437 -5.15 -15.52 -12.95
CA GLY A 437 -6.53 -15.45 -12.54
C GLY A 437 -6.95 -16.79 -11.95
N LEU A 438 -8.13 -16.79 -11.32
CA LEU A 438 -8.60 -18.00 -10.67
C LEU A 438 -10.11 -18.03 -10.71
N LEU A 439 -10.64 -19.12 -11.24
CA LEU A 439 -12.06 -19.38 -11.20
C LEU A 439 -12.32 -20.40 -10.11
N LEU A 440 -13.06 -19.95 -9.09
CA LEU A 440 -13.50 -20.79 -7.99
C LEU A 440 -14.82 -21.41 -8.39
N LEU A 441 -14.90 -22.73 -8.31
CA LEU A 441 -16.05 -23.48 -8.81
C LEU A 441 -16.87 -23.96 -7.63
N GLY A 442 -18.15 -23.55 -7.61
CA GLY A 442 -19.10 -24.02 -6.61
C GLY A 442 -20.35 -24.63 -7.27
N ALA A 443 -21.07 -25.47 -6.52
CA ALA A 443 -22.26 -26.13 -7.01
C ALA A 443 -23.49 -25.23 -6.97
N ALA A 444 -23.43 -24.10 -6.28
CA ALA A 444 -24.61 -23.23 -6.15
C ALA A 444 -25.08 -22.78 -7.53
N ASP A 445 -26.40 -22.75 -7.75
CA ASP A 445 -26.98 -22.58 -9.08
C ASP A 445 -27.48 -21.13 -9.25
N GLY A 454 -20.40 -28.62 -14.49
CA GLY A 454 -20.25 -28.72 -15.96
C GLY A 454 -19.76 -27.42 -16.61
N ALA A 455 -20.70 -26.49 -16.84
CA ALA A 455 -20.56 -25.46 -17.86
C ALA A 455 -19.50 -24.41 -17.52
N HIS A 456 -19.23 -24.15 -16.24
CA HIS A 456 -18.35 -23.02 -15.91
C HIS A 456 -16.91 -23.38 -16.29
N ALA A 457 -16.48 -24.56 -15.84
CA ALA A 457 -15.17 -25.11 -16.19
C ALA A 457 -14.99 -25.11 -17.70
N ARG A 458 -16.05 -25.51 -18.43
CA ARG A 458 -16.00 -25.61 -19.88
C ARG A 458 -15.75 -24.24 -20.51
N THR A 459 -16.53 -23.23 -20.11
CA THR A 459 -16.36 -21.85 -20.54
C THR A 459 -14.94 -21.34 -20.28
N ALA A 460 -14.43 -21.61 -19.08
CA ALA A 460 -13.17 -21.07 -18.60
C ALA A 460 -11.98 -21.73 -19.32
N ALA A 461 -12.18 -22.90 -19.90
CA ALA A 461 -11.12 -23.65 -20.58
C ALA A 461 -10.45 -22.83 -21.67
N ALA A 462 -11.23 -22.02 -22.39
CA ALA A 462 -10.69 -21.19 -23.45
C ALA A 462 -9.73 -20.13 -22.90
N TRP A 463 -9.69 -19.93 -21.58
CA TRP A 463 -8.78 -18.96 -20.99
C TRP A 463 -7.83 -19.66 -20.02
N ALA A 464 -7.66 -20.99 -20.18
CA ALA A 464 -6.84 -21.78 -19.25
C ALA A 464 -5.38 -21.32 -19.23
N ASP A 465 -4.94 -20.57 -20.25
CA ASP A 465 -3.58 -20.06 -20.26
C ASP A 465 -3.41 -18.85 -19.34
N ARG A 466 -4.51 -18.26 -18.86
CA ARG A 466 -4.51 -17.06 -18.03
C ARG A 466 -5.26 -17.26 -16.71
N VAL A 467 -6.16 -18.26 -16.61
CA VAL A 467 -7.05 -18.45 -15.49
C VAL A 467 -6.98 -19.90 -15.02
N GLY A 468 -6.55 -20.16 -13.79
CA GLY A 468 -6.66 -21.48 -13.21
C GLY A 468 -8.03 -21.77 -12.60
N VAL A 469 -8.22 -23.00 -12.09
CA VAL A 469 -9.46 -23.40 -11.49
C VAL A 469 -9.17 -24.05 -10.15
N ALA A 470 -10.05 -23.79 -9.19
CA ALA A 470 -10.05 -24.46 -7.90
C ALA A 470 -11.48 -24.52 -7.37
N PRO A 471 -11.76 -25.38 -6.38
CA PRO A 471 -13.09 -25.46 -5.79
C PRO A 471 -13.33 -24.26 -4.88
N ALA A 472 -14.52 -23.64 -5.01
CA ALA A 472 -14.92 -22.58 -4.10
C ALA A 472 -14.80 -23.02 -2.65
N LEU A 473 -15.06 -24.30 -2.35
CA LEU A 473 -15.00 -24.74 -0.97
C LEU A 473 -13.58 -24.72 -0.40
N ALA A 474 -12.55 -24.73 -1.26
CA ALA A 474 -11.17 -24.66 -0.79
C ALA A 474 -10.80 -23.21 -0.42
N ALA A 475 -11.69 -22.26 -0.71
CA ALA A 475 -11.49 -20.85 -0.42
C ALA A 475 -12.51 -20.28 0.55
N ASP A 476 -13.38 -21.15 1.09
CA ASP A 476 -14.53 -20.75 1.90
C ASP A 476 -15.44 -19.79 1.13
N ALA A 477 -15.59 -20.00 -0.18
CA ALA A 477 -16.61 -19.30 -0.93
C ALA A 477 -17.80 -20.25 -1.16
N THR A 478 -19.00 -19.70 -1.32
CA THR A 478 -20.22 -20.51 -1.33
C THR A 478 -20.92 -20.44 -2.68
N ARG A 479 -20.24 -19.84 -3.67
CA ARG A 479 -20.67 -19.90 -5.05
C ARG A 479 -19.45 -19.67 -5.96
N SER A 480 -19.66 -19.91 -7.26
CA SER A 480 -18.63 -19.70 -8.27
C SER A 480 -18.26 -18.21 -8.34
N VAL A 481 -16.96 -17.94 -8.38
CA VAL A 481 -16.45 -16.57 -8.44
C VAL A 481 -15.21 -16.55 -9.34
N LEU A 482 -15.01 -15.47 -10.10
CA LEU A 482 -13.81 -15.27 -10.89
C LEU A 482 -12.97 -14.17 -10.27
N LEU A 483 -11.72 -14.54 -9.94
CA LEU A 483 -10.76 -13.61 -9.38
C LEU A 483 -9.78 -13.17 -10.44
N ARG A 484 -9.60 -11.86 -10.55
CA ARG A 484 -8.48 -11.30 -11.24
C ARG A 484 -7.19 -11.71 -10.54
N PRO A 485 -6.01 -11.55 -11.19
CA PRO A 485 -4.74 -11.90 -10.57
C PRO A 485 -4.41 -11.05 -9.33
N ASP A 486 -5.06 -9.89 -9.20
CA ASP A 486 -4.90 -9.09 -7.99
C ASP A 486 -5.76 -9.53 -6.80
N GLY A 487 -6.54 -10.61 -6.97
CA GLY A 487 -7.42 -11.12 -5.93
C GLY A 487 -8.82 -10.50 -5.89
N HIS A 488 -9.14 -9.54 -6.79
CA HIS A 488 -10.44 -8.89 -6.78
C HIS A 488 -11.41 -9.60 -7.70
N VAL A 489 -12.67 -9.56 -7.28
CA VAL A 489 -13.74 -10.31 -7.91
C VAL A 489 -14.23 -9.59 -9.17
N ALA A 490 -14.14 -10.27 -10.31
CA ALA A 490 -14.61 -9.77 -11.59
C ALA A 490 -15.99 -10.32 -11.96
N TRP A 491 -16.39 -11.46 -11.35
CA TRP A 491 -17.66 -12.10 -11.64
C TRP A 491 -17.98 -13.07 -10.50
N ALA A 492 -19.28 -13.30 -10.26
CA ALA A 492 -19.74 -14.39 -9.42
C ALA A 492 -21.06 -14.90 -9.96
N GLU A 493 -21.38 -16.16 -9.62
CA GLU A 493 -22.66 -16.74 -9.96
C GLU A 493 -23.78 -15.76 -9.63
N GLY A 494 -24.60 -15.45 -10.63
CA GLY A 494 -25.72 -14.54 -10.47
C GLY A 494 -25.43 -13.11 -10.95
N SER A 495 -24.19 -12.79 -11.35
CA SER A 495 -23.85 -11.45 -11.82
C SER A 495 -23.63 -11.43 -13.34
N GLY A 496 -24.50 -12.11 -14.10
CA GLY A 496 -24.37 -12.08 -15.55
C GLY A 496 -23.47 -13.19 -16.10
N SER A 497 -22.87 -12.94 -17.27
CA SER A 497 -22.17 -13.97 -18.04
C SER A 497 -20.72 -14.13 -17.61
N LEU A 498 -20.30 -15.36 -17.24
CA LEU A 498 -18.89 -15.62 -16.94
C LEU A 498 -18.04 -15.41 -18.19
N GLU A 499 -18.55 -15.83 -19.33
CA GLU A 499 -17.80 -15.69 -20.56
C GLU A 499 -17.50 -14.22 -20.87
N THR A 500 -18.46 -13.31 -20.66
CA THR A 500 -18.24 -11.90 -20.95
C THR A 500 -17.24 -11.32 -19.93
N ALA A 501 -17.31 -11.78 -18.68
CA ALA A 501 -16.38 -11.31 -17.67
C ALA A 501 -14.96 -11.75 -17.96
N LEU A 502 -14.78 -12.99 -18.41
CA LEU A 502 -13.47 -13.48 -18.85
C LEU A 502 -12.93 -12.60 -20.00
N LYS A 503 -13.78 -12.30 -20.99
CA LYS A 503 -13.35 -11.37 -22.03
C LYS A 503 -12.96 -10.01 -21.47
N ASN A 504 -13.73 -9.44 -20.52
CA ASN A 504 -13.50 -8.07 -20.07
C ASN A 504 -12.18 -7.92 -19.34
N TRP A 505 -11.71 -8.96 -18.63
CA TRP A 505 -10.51 -8.85 -17.80
C TRP A 505 -9.34 -9.65 -18.36
N PHE A 506 -9.59 -10.68 -19.18
CA PHE A 506 -8.50 -11.56 -19.60
C PHE A 506 -8.36 -11.61 -21.11
N GLY A 507 -9.23 -10.94 -21.87
CA GLY A 507 -9.02 -10.76 -23.31
C GLY A 507 -9.66 -11.87 -24.15
N THR A 508 -9.07 -12.13 -25.32
CA THR A 508 -9.66 -13.01 -26.31
C THR A 508 -9.40 -14.48 -25.99
N PRO A 509 -10.40 -15.35 -26.19
CA PRO A 509 -10.27 -16.79 -25.98
C PRO A 509 -9.11 -17.34 -26.80
N ARG A 510 -8.47 -18.40 -26.31
CA ARG A 510 -7.23 -18.90 -26.92
C ARG A 510 -7.48 -19.34 -28.37
PA FAD B . 9.42 5.24 0.03
O1A FAD B . 9.45 4.20 1.12
O2A FAD B . 9.61 6.68 0.27
O5B FAD B . 10.54 4.76 -1.02
C5B FAD B . 10.83 5.57 -2.19
C4B FAD B . 12.19 5.15 -2.71
O4B FAD B . 12.47 5.93 -3.91
C3B FAD B . 13.32 5.43 -1.72
O3B FAD B . 14.07 4.25 -1.43
C2B FAD B . 14.18 6.51 -2.41
O2B FAD B . 15.54 6.30 -2.13
C1B FAD B . 13.84 6.30 -3.87
N9A FAD B . 13.99 7.47 -4.73
C8A FAD B . 13.46 8.71 -4.53
N7A FAD B . 13.72 9.53 -5.50
C5A FAD B . 14.48 8.78 -6.41
C6A FAD B . 15.11 9.09 -7.62
N6A FAD B . 15.04 10.27 -8.21
N1A FAD B . 15.75 8.09 -8.27
C2A FAD B . 15.84 6.89 -7.67
N3A FAD B . 15.33 6.49 -6.52
C4A FAD B . 14.65 7.50 -5.93
N1 FAD B . 2.75 3.81 6.93
C2 FAD B . 2.08 2.74 7.45
O2 FAD B . 1.27 2.12 6.75
N3 FAD B . 2.19 2.39 8.74
C4 FAD B . 2.89 3.13 9.66
O4 FAD B . 2.96 2.75 10.82
C4X FAD B . 3.53 4.29 9.19
N5 FAD B . 4.26 5.01 10.04
C5X FAD B . 4.92 6.11 9.51
C6 FAD B . 5.63 6.97 10.37
C7 FAD B . 6.29 8.07 9.89
C7M FAD B . 7.07 8.91 10.89
C8 FAD B . 6.30 8.34 8.52
C8M FAD B . 7.00 9.54 7.93
C9 FAD B . 5.59 7.55 7.66
C9A FAD B . 4.91 6.41 8.13
N10 FAD B . 4.18 5.59 7.28
C10 FAD B . 3.49 4.50 7.78
C1' FAD B . 4.16 5.82 5.84
C2' FAD B . 5.22 4.87 5.16
O2' FAD B . 6.56 4.98 5.69
C3' FAD B . 5.28 5.18 3.66
O3' FAD B . 3.95 5.10 3.10
C4' FAD B . 6.14 4.25 2.80
O4' FAD B . 7.55 4.41 3.05
C5' FAD B . 5.88 4.47 1.34
O5' FAD B . 6.64 3.54 0.58
P FAD B . 7.03 3.85 -0.94
O1P FAD B . 7.70 2.64 -1.44
O2P FAD B . 5.90 4.39 -1.74
O3P FAD B . 8.06 5.10 -0.81
#